data_6AFE
#
_entry.id   6AFE
#
_cell.length_a   75.410
_cell.length_b   75.410
_cell.length_c   75.210
_cell.angle_alpha   90.00
_cell.angle_beta   90.00
_cell.angle_gamma   120.00
#
_symmetry.space_group_name_H-M   'P 31 2 1'
#
loop_
_entity.id
_entity.type
_entity.pdbx_description
1 polymer 'Protein/nucleic acid deglycase DJ-1'
2 non-polymer 7-(trifluoromethyl)-1~{H}-indole-2,3-dione
3 non-polymer 'CHLORIDE ION'
4 water water
#
_entity_poly.entity_id   1
_entity_poly.type   'polypeptide(L)'
_entity_poly.pdbx_seq_one_letter_code
;MASKRALVILAKGAEEMETVIPVDVMRRAGIKVTVAGLAGKDPVQCSRDVVICPDASLEDAKKEGPYDVVVLPGGNLGAQ
NLSESAAVKEILKEQENRKGLIAAICAGPTALLAHEIGFGSKVTTHPLAKDKMMNGGHYTYSENRVEKDGLILTSRGPGT
SFEFALAIVEALNGKEVAAQVKAPLVLKD
;
_entity_poly.pdbx_strand_id   A
#
# COMPACT_ATOMS: atom_id res chain seq x y z
N ALA A 2 -18.47 13.06 0.97
CA ALA A 2 -18.40 11.62 0.57
C ALA A 2 -17.19 10.97 1.22
N SER A 3 -17.35 9.71 1.58
CA SER A 3 -16.24 9.05 2.23
C SER A 3 -15.14 8.80 1.23
N LYS A 4 -13.92 8.84 1.72
CA LYS A 4 -12.79 8.47 0.91
C LYS A 4 -12.78 6.93 0.76
N ARG A 5 -12.13 6.46 -0.30
CA ARG A 5 -12.14 5.08 -0.72
C ARG A 5 -10.69 4.60 -0.93
N ALA A 6 -10.39 3.42 -0.39
CA ALA A 6 -9.10 2.78 -0.53
C ALA A 6 -9.20 1.40 -1.18
N LEU A 7 -8.26 1.14 -2.08
CA LEU A 7 -8.07 -0.16 -2.73
C LEU A 7 -6.82 -0.80 -2.14
N VAL A 8 -6.96 -1.97 -1.50
CA VAL A 8 -5.81 -2.70 -0.96
C VAL A 8 -5.68 -3.98 -1.79
N ILE A 9 -4.56 -4.10 -2.50
CA ILE A 9 -4.39 -5.24 -3.39
C ILE A 9 -3.69 -6.37 -2.69
N LEU A 10 -4.40 -7.50 -2.62
CA LEU A 10 -3.99 -8.64 -1.84
C LEU A 10 -3.61 -9.84 -2.72
N ALA A 11 -2.32 -10.16 -2.71
CA ALA A 11 -1.73 -11.25 -3.46
C ALA A 11 -1.21 -12.35 -2.55
N LYS A 12 -1.15 -13.57 -3.08
CA LYS A 12 -0.48 -14.66 -2.40
C LYS A 12 0.90 -14.21 -1.91
N GLY A 13 1.21 -14.55 -0.66
CA GLY A 13 2.47 -14.18 -0.09
C GLY A 13 2.56 -12.76 0.48
N ALA A 14 1.46 -12.02 0.49
CA ALA A 14 1.40 -10.72 1.16
C ALA A 14 1.74 -10.90 2.63
N GLU A 15 2.38 -9.89 3.20
CA GLU A 15 2.59 -9.89 4.64
C GLU A 15 1.26 -9.52 5.30
N GLU A 16 0.73 -10.46 6.07
CA GLU A 16 -0.61 -10.29 6.62
C GLU A 16 -0.73 -9.13 7.61
N MET A 17 0.34 -8.86 8.37
CA MET A 17 0.30 -7.74 9.26
C MET A 17 0.22 -6.41 8.48
N GLU A 18 1.00 -6.33 7.40
CA GLU A 18 1.03 -5.13 6.55
C GLU A 18 -0.24 -4.95 5.75
N THR A 19 -1.02 -6.01 5.63
CA THR A 19 -2.33 -5.94 5.00
C THR A 19 -3.43 -5.53 6.00
N VAL A 20 -3.49 -6.27 7.10
CA VAL A 20 -4.53 -6.07 8.10
C VAL A 20 -4.42 -4.74 8.85
N ILE A 21 -3.20 -4.33 9.24
CA ILE A 21 -3.09 -3.08 10.01
C ILE A 21 -3.66 -1.88 9.20
N PRO A 22 -3.21 -1.70 7.95
CA PRO A 22 -3.80 -0.59 7.20
C PRO A 22 -5.29 -0.71 6.93
N VAL A 23 -5.76 -1.91 6.64
CA VAL A 23 -7.21 -2.09 6.40
C VAL A 23 -8.00 -1.65 7.62
N ASP A 24 -7.61 -2.19 8.77
CA ASP A 24 -8.30 -1.93 10.03
C ASP A 24 -8.25 -0.43 10.40
N VAL A 25 -7.03 0.14 10.42
CA VAL A 25 -6.89 1.52 10.78
C VAL A 25 -7.65 2.44 9.81
N MET A 26 -7.59 2.16 8.51
CA MET A 26 -8.34 2.98 7.55
C MET A 26 -9.85 2.88 7.80
N ARG A 27 -10.32 1.70 8.15
CA ARG A 27 -11.76 1.54 8.45
C ARG A 27 -12.15 2.26 9.73
N ARG A 28 -11.26 2.28 10.72
CA ARG A 28 -11.47 3.07 11.94
C ARG A 28 -11.62 4.56 11.62
N ALA A 29 -10.92 4.99 10.56
CA ALA A 29 -10.96 6.37 10.07
C ALA A 29 -12.20 6.68 9.20
N GLY A 30 -13.07 5.70 9.00
CA GLY A 30 -14.26 5.89 8.17
C GLY A 30 -13.99 5.85 6.67
N ILE A 31 -12.81 5.37 6.29
CA ILE A 31 -12.51 5.11 4.88
C ILE A 31 -13.19 3.82 4.45
N LYS A 32 -13.78 3.86 3.25
CA LYS A 32 -14.34 2.65 2.65
C LYS A 32 -13.24 1.90 1.97
N VAL A 33 -12.88 0.74 2.52
CA VAL A 33 -11.74 -0.03 2.05
C VAL A 33 -12.24 -1.27 1.33
N THR A 34 -11.70 -1.48 0.13
CA THR A 34 -11.89 -2.72 -0.61
C THR A 34 -10.61 -3.55 -0.62
N VAL A 35 -10.66 -4.72 0.02
CA VAL A 35 -9.59 -5.71 -0.02
C VAL A 35 -9.82 -6.55 -1.28
N ALA A 36 -8.94 -6.34 -2.29
CA ALA A 36 -9.16 -6.91 -3.63
C ALA A 36 -8.15 -8.00 -3.89
N GLY A 37 -8.63 -9.20 -4.23
CA GLY A 37 -7.79 -10.33 -4.49
C GLY A 37 -7.19 -10.25 -5.87
N LEU A 38 -5.86 -10.18 -5.93
CA LEU A 38 -5.16 -10.16 -7.21
C LEU A 38 -5.63 -11.30 -8.10
N ALA A 39 -5.64 -12.52 -7.53
CA ALA A 39 -5.90 -13.76 -8.31
C ALA A 39 -7.36 -14.02 -8.63
N GLY A 40 -8.26 -13.28 -7.98
CA GLY A 40 -9.68 -13.56 -8.04
C GLY A 40 -10.36 -13.41 -6.70
N LYS A 41 -11.53 -14.02 -6.56
CA LYS A 41 -12.38 -13.84 -5.39
C LYS A 41 -11.98 -14.74 -4.22
N ASP A 42 -11.13 -15.74 -4.47
CA ASP A 42 -10.88 -16.77 -3.50
C ASP A 42 -9.95 -16.36 -2.36
N PRO A 43 -10.00 -17.13 -1.26
CA PRO A 43 -9.15 -16.76 -0.11
C PRO A 43 -7.65 -16.77 -0.49
N VAL A 44 -6.89 -15.93 0.21
CA VAL A 44 -5.49 -15.66 -0.09
C VAL A 44 -4.61 -16.13 1.07
N GLN A 45 -3.64 -16.98 0.74
CA GLN A 45 -2.66 -17.47 1.70
C GLN A 45 -1.52 -16.48 1.82
N CYS A 46 -1.48 -15.80 2.95
CA CYS A 46 -0.44 -14.78 3.20
C CYS A 46 0.89 -15.44 3.58
N SER A 47 1.92 -14.60 3.74
CA SER A 47 3.27 -15.04 3.94
C SER A 47 3.47 -15.99 5.11
N ARG A 48 2.78 -15.70 6.21
CA ARG A 48 2.87 -16.52 7.43
C ARG A 48 1.60 -17.38 7.60
N ASP A 49 0.98 -17.72 6.46
CA ASP A 49 -0.08 -18.70 6.40
C ASP A 49 -1.44 -18.29 6.96
N VAL A 50 -1.59 -17.02 7.38
CA VAL A 50 -2.89 -16.48 7.64
C VAL A 50 -3.65 -16.42 6.31
N VAL A 51 -4.89 -16.91 6.33
CA VAL A 51 -5.73 -16.94 5.13
C VAL A 51 -6.83 -15.87 5.25
N ILE A 52 -6.82 -14.93 4.31
CA ILE A 52 -7.75 -13.81 4.32
C ILE A 52 -8.67 -13.92 3.10
N CYS A 53 -9.96 -13.73 3.33
CA CYS A 53 -10.94 -13.74 2.26
C CYS A 53 -11.13 -12.31 1.74
N PRO A 54 -10.76 -12.06 0.48
CA PRO A 54 -10.95 -10.69 -0.03
C PRO A 54 -12.42 -10.29 -0.19
N ASP A 55 -12.63 -8.98 -0.19
CA ASP A 55 -13.96 -8.42 -0.39
C ASP A 55 -14.46 -8.65 -1.82
N ALA A 56 -13.52 -8.67 -2.75
CA ALA A 56 -13.81 -8.73 -4.19
C ALA A 56 -12.56 -9.16 -4.92
N SER A 57 -12.71 -9.62 -6.14
CA SER A 57 -11.57 -9.76 -7.03
C SER A 57 -11.07 -8.37 -7.43
N LEU A 58 -9.80 -8.32 -7.82
CA LEU A 58 -9.24 -7.10 -8.36
C LEU A 58 -10.00 -6.66 -9.62
N GLU A 59 -10.34 -7.65 -10.43
CA GLU A 59 -11.06 -7.40 -11.68
C GLU A 59 -12.34 -6.65 -11.42
N ASP A 60 -13.08 -7.12 -10.42
CA ASP A 60 -14.32 -6.44 -10.05
C ASP A 60 -14.09 -5.12 -9.36
N ALA A 61 -13.10 -5.05 -8.46
CA ALA A 61 -12.87 -3.82 -7.73
C ALA A 61 -12.43 -2.68 -8.65
N LYS A 62 -11.71 -3.03 -9.73
CA LYS A 62 -11.28 -2.03 -10.68
C LYS A 62 -12.47 -1.34 -11.32
N LYS A 63 -13.54 -2.10 -11.52
CA LYS A 63 -14.71 -1.53 -12.16
C LYS A 63 -15.34 -0.43 -11.30
N GLU A 64 -15.08 -0.48 -9.99
CA GLU A 64 -15.65 0.45 -9.05
C GLU A 64 -14.69 1.59 -8.73
N GLY A 65 -13.57 1.67 -9.41
CA GLY A 65 -12.64 2.79 -9.20
C GLY A 65 -13.07 4.10 -9.87
N PRO A 66 -12.23 5.14 -9.76
CA PRO A 66 -10.93 5.16 -9.10
C PRO A 66 -11.09 5.33 -7.59
N TYR A 67 -9.97 5.14 -6.90
CA TYR A 67 -9.86 5.21 -5.47
C TYR A 67 -8.99 6.39 -5.03
N ASP A 68 -9.22 6.87 -3.82
CA ASP A 68 -8.40 7.92 -3.24
C ASP A 68 -7.01 7.44 -2.88
N VAL A 69 -6.86 6.15 -2.61
CA VAL A 69 -5.52 5.57 -2.40
C VAL A 69 -5.50 4.14 -2.92
N VAL A 70 -4.38 3.77 -3.54
CA VAL A 70 -4.09 2.38 -3.87
C VAL A 70 -2.97 1.94 -2.96
N VAL A 71 -3.21 0.86 -2.21
CA VAL A 71 -2.27 0.37 -1.18
C VAL A 71 -1.69 -0.98 -1.60
N LEU A 72 -0.37 -1.04 -1.56
CA LEU A 72 0.40 -2.24 -1.87
C LEU A 72 1.10 -2.73 -0.59
N PRO A 73 0.53 -3.77 0.05
CA PRO A 73 1.26 -4.43 1.13
C PRO A 73 2.58 -4.99 0.64
N GLY A 74 3.45 -5.32 1.59
CA GLY A 74 4.66 -6.03 1.31
C GLY A 74 4.54 -7.55 1.48
N GLY A 75 5.63 -8.14 1.96
CA GLY A 75 5.87 -9.56 1.83
C GLY A 75 6.64 -9.75 0.53
N ASN A 76 7.81 -10.40 0.57
CA ASN A 76 8.59 -10.49 -0.66
C ASN A 76 7.81 -11.16 -1.81
N LEU A 77 7.15 -12.27 -1.52
CA LEU A 77 6.48 -13.02 -2.59
C LEU A 77 5.18 -12.32 -3.01
N GLY A 78 4.52 -11.65 -2.07
CA GLY A 78 3.37 -10.81 -2.45
C GLY A 78 3.76 -9.67 -3.38
N ALA A 79 4.87 -9.01 -3.04
CA ALA A 79 5.34 -7.90 -3.84
C ALA A 79 5.77 -8.38 -5.21
N GLN A 80 6.37 -9.58 -5.27
CA GLN A 80 6.75 -10.15 -6.57
C GLN A 80 5.51 -10.41 -7.44
N ASN A 81 4.46 -10.98 -6.82
CA ASN A 81 3.21 -11.18 -7.55
C ASN A 81 2.60 -9.85 -8.04
N LEU A 82 2.64 -8.82 -7.19
CA LEU A 82 2.15 -7.50 -7.61
C LEU A 82 2.97 -6.96 -8.80
N SER A 83 4.28 -7.18 -8.73
CA SER A 83 5.24 -6.70 -9.75
C SER A 83 5.05 -7.33 -11.11
N GLU A 84 4.56 -8.57 -11.10
CA GLU A 84 4.36 -9.34 -12.31
C GLU A 84 2.99 -9.11 -12.98
N SER A 85 2.11 -8.36 -12.31
CA SER A 85 0.72 -8.24 -12.76
C SER A 85 0.47 -7.05 -13.68
N ALA A 86 -0.03 -7.36 -14.87
CA ALA A 86 -0.44 -6.31 -15.80
C ALA A 86 -1.64 -5.52 -15.28
N ALA A 87 -2.53 -6.20 -14.53
CA ALA A 87 -3.67 -5.51 -13.93
C ALA A 87 -3.20 -4.46 -12.92
N VAL A 88 -2.21 -4.82 -12.11
CA VAL A 88 -1.63 -3.84 -11.16
C VAL A 88 -1.00 -2.67 -11.88
N LYS A 89 -0.29 -2.98 -12.95
CA LYS A 89 0.33 -1.92 -13.73
C LYS A 89 -0.70 -0.90 -14.18
N GLU A 90 -1.79 -1.39 -14.75
CA GLU A 90 -2.84 -0.50 -15.26
C GLU A 90 -3.45 0.35 -14.16
N ILE A 91 -3.71 -0.27 -13.01
CA ILE A 91 -4.27 0.44 -11.87
C ILE A 91 -3.32 1.53 -11.37
N LEU A 92 -2.04 1.23 -11.29
CA LEU A 92 -1.12 2.20 -10.77
C LEU A 92 -0.88 3.33 -11.74
N LYS A 93 -0.82 3.00 -13.03
CA LYS A 93 -0.65 4.05 -14.09
C LYS A 93 -1.83 5.02 -14.06
N GLU A 94 -3.05 4.47 -13.97
CA GLU A 94 -4.25 5.30 -13.87
CA GLU A 94 -4.24 5.31 -13.90
C GLU A 94 -4.19 6.22 -12.65
N GLN A 95 -3.82 5.62 -11.50
CA GLN A 95 -3.76 6.38 -10.30
C GLN A 95 -2.71 7.51 -10.40
N GLU A 96 -1.55 7.18 -10.97
CA GLU A 96 -0.52 8.16 -11.18
C GLU A 96 -1.00 9.29 -12.13
N ASN A 97 -1.70 8.91 -13.19
CA ASN A 97 -2.15 9.87 -14.20
C ASN A 97 -3.13 10.87 -13.62
N ARG A 98 -3.95 10.40 -12.68
CA ARG A 98 -4.94 11.25 -12.01
C ARG A 98 -4.43 11.94 -10.77
N LYS A 99 -3.14 11.77 -10.46
CA LYS A 99 -2.49 12.46 -9.34
C LYS A 99 -3.07 11.98 -8.00
N GLY A 100 -3.42 10.70 -7.96
CA GLY A 100 -3.92 10.11 -6.72
C GLY A 100 -2.83 9.43 -5.90
N LEU A 101 -3.11 9.30 -4.61
CA LEU A 101 -2.15 8.71 -3.66
C LEU A 101 -1.89 7.25 -3.94
N ILE A 102 -0.61 6.89 -3.87
CA ILE A 102 -0.16 5.51 -4.01
C ILE A 102 0.69 5.22 -2.78
N ALA A 103 0.34 4.13 -2.09
CA ALA A 103 1.01 3.81 -0.81
C ALA A 103 1.54 2.39 -0.83
N ALA A 104 2.79 2.19 -0.41
CA ALA A 104 3.39 0.85 -0.49
C ALA A 104 4.38 0.66 0.65
N ILE A 105 4.41 -0.57 1.21
CA ILE A 105 5.21 -0.85 2.41
C ILE A 105 6.08 -2.08 2.25
N CYS A 106 7.25 -2.00 2.88
CA CYS A 106 8.19 -3.13 3.02
C CYS A 106 8.83 -3.43 1.67
N ALA A 107 8.54 -4.58 1.04
CA ALA A 107 8.93 -4.81 -0.36
C ALA A 107 7.91 -4.29 -1.37
N GLY A 108 6.73 -3.89 -0.89
CA GLY A 108 5.68 -3.34 -1.79
C GLY A 108 6.18 -2.30 -2.75
N PRO A 109 7.07 -1.37 -2.30
CA PRO A 109 7.54 -0.35 -3.25
C PRO A 109 8.25 -0.87 -4.46
N THR A 110 8.83 -2.07 -4.37
CA THR A 110 9.48 -2.63 -5.55
C THR A 110 8.52 -2.88 -6.74
N ALA A 111 7.23 -3.00 -6.45
CA ALA A 111 6.26 -3.10 -7.53
C ALA A 111 6.12 -1.77 -8.29
N LEU A 112 6.35 -0.66 -7.59
CA LEU A 112 6.41 0.64 -8.25
C LEU A 112 7.54 0.67 -9.25
N LEU A 113 8.70 0.15 -8.85
CA LEU A 113 9.82 0.07 -9.81
C LEU A 113 9.45 -0.80 -11.01
N ALA A 114 8.86 -1.97 -10.77
CA ALA A 114 8.52 -2.89 -11.84
C ALA A 114 7.58 -2.25 -12.85
N HIS A 115 6.69 -1.42 -12.36
CA HIS A 115 5.65 -0.82 -13.20
C HIS A 115 5.98 0.60 -13.63
N GLU A 116 7.21 1.03 -13.33
CA GLU A 116 7.73 2.34 -13.75
C GLU A 116 6.90 3.52 -13.22
N ILE A 117 6.53 3.40 -11.93
CA ILE A 117 5.66 4.37 -11.27
C ILE A 117 6.47 5.28 -10.37
N GLY A 118 6.26 6.59 -10.51
CA GLY A 118 6.75 7.55 -9.54
C GLY A 118 8.27 7.76 -9.57
N PHE A 119 8.90 7.47 -10.70
CA PHE A 119 10.37 7.67 -10.80
C PHE A 119 10.73 9.10 -10.39
N GLY A 120 11.84 9.22 -9.67
CA GLY A 120 12.31 10.42 -9.11
C GLY A 120 11.89 10.72 -7.71
N SER A 121 10.92 9.96 -7.21
CA SER A 121 10.43 10.21 -5.88
C SER A 121 11.45 9.69 -4.83
N LYS A 122 11.47 10.37 -3.69
CA LYS A 122 12.08 9.85 -2.48
CA LYS A 122 12.09 9.84 -2.49
C LYS A 122 11.20 8.74 -1.90
N VAL A 123 11.83 7.59 -1.60
CA VAL A 123 11.13 6.40 -1.13
C VAL A 123 11.92 5.72 -0.04
N THR A 124 11.19 4.99 0.83
CA THR A 124 11.82 3.98 1.68
C THR A 124 11.25 2.60 1.36
N THR A 125 11.93 1.60 1.89
CA THR A 125 11.55 0.20 1.80
C THR A 125 12.04 -0.51 3.06
N HIS A 126 11.77 -1.79 3.14
CA HIS A 126 12.47 -2.60 4.12
C HIS A 126 13.96 -2.51 3.82
N PRO A 127 14.80 -2.48 4.85
CA PRO A 127 16.25 -2.48 4.55
C PRO A 127 16.72 -3.56 3.56
N LEU A 128 16.17 -4.77 3.66
CA LEU A 128 16.58 -5.88 2.79
C LEU A 128 16.02 -5.78 1.37
N ALA A 129 15.13 -4.80 1.11
CA ALA A 129 14.60 -4.54 -0.21
C ALA A 129 15.21 -3.31 -0.86
N LYS A 130 16.13 -2.64 -0.17
CA LYS A 130 16.73 -1.42 -0.71
CA LYS A 130 16.73 -1.42 -0.71
C LYS A 130 17.42 -1.64 -2.05
N ASP A 131 18.29 -2.65 -2.13
CA ASP A 131 19.05 -2.84 -3.35
C ASP A 131 18.16 -3.10 -4.57
N LYS A 132 17.11 -3.88 -4.37
CA LYS A 132 16.16 -4.13 -5.44
C LYS A 132 15.51 -2.80 -5.87
N MET A 133 15.01 -2.03 -4.91
CA MET A 133 14.33 -0.78 -5.22
C MET A 133 15.22 0.22 -5.96
N MET A 134 16.50 0.21 -5.61
CA MET A 134 17.45 1.17 -6.09
C MET A 134 18.15 0.76 -7.36
N ASN A 135 17.79 -0.37 -7.94
CA ASN A 135 18.42 -0.84 -9.16
C ASN A 135 18.13 0.15 -10.30
N GLY A 136 19.18 0.83 -10.75
CA GLY A 136 19.07 1.86 -11.80
C GLY A 136 19.05 3.27 -11.24
N GLY A 137 18.93 3.42 -9.91
CA GLY A 137 18.92 4.73 -9.32
C GLY A 137 17.72 5.59 -9.72
N HIS A 138 16.56 4.93 -9.87
CA HIS A 138 15.36 5.63 -10.35
C HIS A 138 14.57 6.38 -9.28
N TYR A 139 14.93 6.13 -8.03
CA TYR A 139 14.37 6.77 -6.88
C TYR A 139 15.51 7.24 -6.01
N THR A 140 15.19 8.12 -5.07
CA THR A 140 16.09 8.54 -4.05
C THR A 140 15.76 7.87 -2.73
N TYR A 141 16.75 7.21 -2.12
CA TYR A 141 16.44 6.37 -0.96
C TYR A 141 16.40 7.16 0.34
N SER A 142 15.49 6.73 1.21
CA SER A 142 15.29 7.32 2.51
C SER A 142 15.25 6.21 3.59
N GLU A 143 15.73 6.56 4.77
CA GLU A 143 15.63 5.68 5.92
C GLU A 143 14.55 6.12 6.89
N ASN A 144 13.74 7.08 6.50
CA ASN A 144 12.60 7.45 7.34
C ASN A 144 11.60 6.29 7.46
N ARG A 145 10.96 6.16 8.63
CA ARG A 145 10.07 5.04 8.86
C ARG A 145 8.86 5.11 7.93
N VAL A 146 8.38 6.34 7.65
CA VAL A 146 7.42 6.63 6.63
C VAL A 146 8.00 7.76 5.78
N GLU A 147 7.87 7.64 4.47
CA GLU A 147 8.36 8.70 3.56
C GLU A 147 7.21 9.09 2.60
N LYS A 148 7.21 10.34 2.17
CA LYS A 148 6.19 10.81 1.22
C LYS A 148 6.79 11.83 0.32
N ASP A 149 6.70 11.58 -0.96
CA ASP A 149 7.20 12.51 -2.00
C ASP A 149 6.31 12.39 -3.26
N GLY A 150 5.95 13.52 -3.88
CA GLY A 150 4.99 13.51 -4.99
C GLY A 150 3.73 12.72 -4.61
N LEU A 151 3.47 11.71 -5.43
CA LEU A 151 2.25 10.89 -5.25
C LEU A 151 2.43 9.72 -4.26
N ILE A 152 3.66 9.57 -3.78
CA ILE A 152 4.16 8.24 -3.35
C ILE A 152 4.45 8.24 -1.85
N LEU A 153 3.73 7.37 -1.13
CA LEU A 153 3.86 7.24 0.31
CA LEU A 153 3.87 7.24 0.32
C LEU A 153 4.41 5.84 0.57
N THR A 154 5.59 5.75 1.21
CA THR A 154 6.21 4.46 1.44
C THR A 154 6.57 4.27 2.91
N SER A 155 6.81 3.02 3.28
CA SER A 155 7.19 2.71 4.65
C SER A 155 7.94 1.37 4.68
N ARG A 156 8.52 1.03 5.83
CA ARG A 156 9.58 0.05 5.88
C ARG A 156 9.23 -1.41 6.21
N GLY A 157 8.29 -1.66 7.12
CA GLY A 157 8.08 -3.05 7.58
C GLY A 157 6.88 -3.25 8.46
N PRO A 158 6.71 -4.48 8.96
CA PRO A 158 5.55 -4.70 9.84
C PRO A 158 5.47 -3.70 10.99
N GLY A 159 6.63 -3.41 11.59
CA GLY A 159 6.72 -2.52 12.73
C GLY A 159 6.52 -1.05 12.43
N THR A 160 6.42 -0.69 11.14
CA THR A 160 6.04 0.68 10.75
C THR A 160 4.62 0.76 10.18
N SER A 161 3.87 -0.36 10.26
CA SER A 161 2.58 -0.43 9.62
C SER A 161 1.56 0.56 10.23
N PHE A 162 1.58 0.74 11.55
CA PHE A 162 0.66 1.71 12.15
C PHE A 162 0.96 3.14 11.68
N GLU A 163 2.26 3.47 11.67
CA GLU A 163 2.68 4.80 11.19
C GLU A 163 2.27 5.02 9.72
N PHE A 164 2.48 3.99 8.91
CA PHE A 164 2.08 4.02 7.51
C PHE A 164 0.60 4.22 7.35
N ALA A 165 -0.18 3.44 8.11
CA ALA A 165 -1.63 3.54 7.99
C ALA A 165 -2.13 4.93 8.44
N LEU A 166 -1.56 5.42 9.54
CA LEU A 166 -1.99 6.73 10.02
C LEU A 166 -1.58 7.87 9.09
N ALA A 167 -0.45 7.71 8.37
CA ALA A 167 -0.09 8.68 7.35
C ALA A 167 -1.13 8.68 6.22
N ILE A 168 -1.59 7.50 5.82
CA ILE A 168 -2.67 7.43 4.81
C ILE A 168 -3.92 8.14 5.31
N VAL A 169 -4.29 7.85 6.56
CA VAL A 169 -5.44 8.50 7.16
C VAL A 169 -5.30 10.03 7.15
N GLU A 170 -4.13 10.52 7.54
CA GLU A 170 -3.90 11.95 7.57
C GLU A 170 -4.01 12.57 6.17
N ALA A 171 -3.45 11.88 5.18
CA ALA A 171 -3.53 12.37 3.79
C ALA A 171 -4.98 12.46 3.26
N LEU A 172 -5.80 11.48 3.61
CA LEU A 172 -7.17 11.42 3.12
C LEU A 172 -8.17 12.25 3.94
N ASN A 173 -8.07 12.12 5.28
CA ASN A 173 -9.06 12.62 6.21
C ASN A 173 -8.58 13.71 7.17
N GLY A 174 -7.28 14.02 7.10
CA GLY A 174 -6.72 15.06 7.94
C GLY A 174 -6.08 14.67 9.25
N LYS A 175 -5.33 15.60 9.81
CA LYS A 175 -4.54 15.39 11.02
C LYS A 175 -5.44 15.06 12.21
N GLU A 176 -6.57 15.77 12.32
CA GLU A 176 -7.45 15.61 13.47
C GLU A 176 -8.00 14.18 13.50
N VAL A 177 -8.55 13.70 12.39
CA VAL A 177 -9.07 12.35 12.34
C VAL A 177 -7.95 11.33 12.65
N ALA A 178 -6.76 11.52 12.08
CA ALA A 178 -5.67 10.60 12.37
C ALA A 178 -5.36 10.54 13.90
N ALA A 179 -5.36 11.69 14.57
CA ALA A 179 -5.10 11.72 16.01
C ALA A 179 -6.22 11.04 16.78
N GLN A 180 -7.46 11.24 16.36
CA GLN A 180 -8.63 10.59 17.01
CA GLN A 180 -8.60 10.58 17.03
C GLN A 180 -8.56 9.05 16.88
N VAL A 181 -8.18 8.60 15.70
CA VAL A 181 -8.08 7.19 15.44
C VAL A 181 -6.90 6.59 16.21
N LYS A 182 -5.80 7.34 16.29
CA LYS A 182 -4.59 6.85 16.96
C LYS A 182 -4.79 6.57 18.44
N ALA A 183 -5.49 7.48 19.15
CA ALA A 183 -5.50 7.42 20.61
C ALA A 183 -5.95 6.06 21.19
N PRO A 184 -7.05 5.50 20.69
CA PRO A 184 -7.51 4.24 21.29
C PRO A 184 -6.64 3.02 20.94
N LEU A 185 -5.66 3.19 20.04
CA LEU A 185 -4.82 2.05 19.65
C LEU A 185 -3.77 1.67 20.69
N VAL A 186 -3.45 2.59 21.61
CA VAL A 186 -2.40 2.34 22.61
C VAL A 186 -1.04 2.14 21.95
N LEU A 187 -0.75 3.04 21.03
CA LEU A 187 0.56 3.09 20.42
C LEU A 187 1.56 3.75 21.39
N LYS A 188 2.83 3.53 21.20
CA LYS A 188 3.82 4.11 22.12
C LYS A 188 4.07 5.55 21.70
#